data_4MP6
#
_entry.id   4MP6
#
_cell.length_a   62.660
_cell.length_b   62.660
_cell.length_c   157.079
_cell.angle_alpha   90.000
_cell.angle_beta   90.000
_cell.angle_gamma   90.000
#
_symmetry.space_group_name_H-M   'P 41 21 2'
#
loop_
_entity.id
_entity.type
_entity.pdbx_description
1 polymer 'Putative ornithine cyclodeaminase'
2 non-polymer NICOTINAMIDE-ADENINE-DINUCLEOTIDE
3 non-polymer 'CITRIC ACID'
4 water water
#
_entity_poly.entity_id   1
_entity_poly.type   'polypeptide(L)'
_entity_poly.pdbx_seq_one_letter_code
;GSHMNREMLYLNRSDIEQAGGNHSQVYVDALTEALTAHAHNDFVQPLKPYLRQDPENGHIADRIIAMPSHIGGEHAISGI
KWIGSKHDNPSKRNMERASGVIILNDPETNYPIAVMEASLISSMRTAAVSVIAAKHLAKKGFKDLTIIGCGLIGDKQLQS
MLEQFDHIERVFVYDQFSEACARFVDRWQQQRPEINFIATENAKEAVSNGEVVITCTVTDQPYIEYDWLQKGAFISNISI
MDVHKEVFIKADKVVVDDWSQCNREKKTINQLVLEGKFSKEALHAELGQLVTGDIPGREDDDEIILLNPMGMAIEDISSA
YFIYQQAQQQNIGTTLNLY
;
_entity_poly.pdbx_strand_id   A
#
loop_
_chem_comp.id
_chem_comp.type
_chem_comp.name
_chem_comp.formula
CIT non-polymer 'CITRIC ACID' 'C6 H8 O7'
NAD non-polymer NICOTINAMIDE-ADENINE-DINUCLEOTIDE 'C21 H27 N7 O14 P2'
#
# COMPACT_ATOMS: atom_id res chain seq x y z
N ARG A 6 -10.24 -20.40 -24.12
CA ARG A 6 -9.78 -21.76 -23.70
C ARG A 6 -9.61 -21.97 -22.18
N GLU A 7 -8.44 -21.62 -21.64
CA GLU A 7 -8.15 -21.89 -20.22
C GLU A 7 -7.80 -20.66 -19.41
N MET A 8 -7.96 -20.79 -18.10
CA MET A 8 -7.53 -19.81 -17.12
C MET A 8 -6.78 -20.51 -15.98
N LEU A 9 -5.77 -19.84 -15.42
CA LEU A 9 -5.10 -20.34 -14.22
C LEU A 9 -5.74 -19.76 -12.98
N TYR A 10 -6.25 -20.63 -12.12
CA TYR A 10 -6.74 -20.16 -10.84
C TYR A 10 -5.64 -20.31 -9.77
N LEU A 11 -5.37 -19.24 -9.04
CA LEU A 11 -4.34 -19.21 -8.02
C LEU A 11 -4.95 -18.73 -6.72
N ASN A 12 -5.13 -19.63 -5.75
CA ASN A 12 -5.57 -19.24 -4.41
C ASN A 12 -4.41 -18.62 -3.59
N ARG A 13 -4.66 -18.25 -2.34
CA ARG A 13 -3.57 -17.62 -1.56
C ARG A 13 -2.37 -18.54 -1.34
N SER A 14 -2.63 -19.81 -1.04
CA SER A 14 -1.54 -20.77 -0.88
C SER A 14 -0.68 -20.89 -2.14
N ASP A 15 -1.34 -20.96 -3.30
CA ASP A 15 -0.67 -21.00 -4.60
C ASP A 15 0.19 -19.74 -4.76
N ILE A 16 -0.37 -18.59 -4.42
CA ILE A 16 0.35 -17.32 -4.56
C ILE A 16 1.60 -17.30 -3.68
N GLU A 17 1.46 -17.76 -2.44
CA GLU A 17 2.58 -17.90 -1.51
C GLU A 17 3.64 -18.84 -2.06
N GLN A 18 3.21 -20.02 -2.54
CA GLN A 18 4.12 -21.01 -3.06
C GLN A 18 4.91 -20.48 -4.25
N ALA A 19 4.27 -19.61 -5.06
CA ALA A 19 4.90 -19.03 -6.24
C ALA A 19 5.76 -17.79 -5.93
N GLY A 20 6.02 -17.49 -4.65
CA GLY A 20 6.86 -16.33 -4.28
C GLY A 20 6.10 -15.11 -3.74
N GLY A 21 4.77 -15.14 -3.83
CA GLY A 21 3.95 -14.03 -3.38
C GLY A 21 4.00 -13.66 -1.91
N ASN A 22 4.66 -14.49 -1.10
N ASN A 22 4.82 -14.36 -1.12
CA ASN A 22 4.61 -14.35 0.36
CA ASN A 22 5.07 -13.96 0.27
C ASN A 22 5.67 -13.42 0.93
C ASN A 22 6.49 -13.42 0.55
N HIS A 23 6.59 -12.95 0.06
N HIS A 23 7.25 -13.04 -0.50
CA HIS A 23 7.67 -12.02 0.43
CA HIS A 23 8.46 -12.21 -0.30
C HIS A 23 7.66 -10.78 -0.49
C HIS A 23 8.23 -10.86 -0.94
N SER A 24 8.53 -9.81 -0.19
CA SER A 24 8.45 -8.45 -0.74
C SER A 24 9.16 -8.22 -2.09
N GLN A 25 10.25 -8.94 -2.40
CA GLN A 25 11.03 -8.64 -3.61
C GLN A 25 10.24 -8.70 -4.94
N VAL A 26 9.40 -9.73 -5.11
CA VAL A 26 8.59 -9.78 -6.35
C VAL A 26 7.72 -8.52 -6.54
N TYR A 27 7.16 -8.00 -5.44
CA TYR A 27 6.32 -6.79 -5.49
C TYR A 27 7.12 -5.52 -5.76
N VAL A 28 8.30 -5.44 -5.16
CA VAL A 28 9.23 -4.34 -5.41
C VAL A 28 9.67 -4.35 -6.88
N ASP A 29 10.00 -5.51 -7.42
CA ASP A 29 10.39 -5.56 -8.84
C ASP A 29 9.22 -5.17 -9.73
N ALA A 30 8.05 -5.78 -9.47
CA ALA A 30 6.82 -5.51 -10.19
C ALA A 30 6.40 -4.04 -10.21
N LEU A 31 6.43 -3.39 -9.04
CA LEU A 31 6.01 -1.98 -8.94
C LEU A 31 7.06 -1.01 -9.50
N THR A 32 8.32 -1.34 -9.37
CA THR A 32 9.36 -0.50 -9.99
C THR A 32 9.09 -0.39 -11.48
N GLU A 33 8.84 -1.52 -12.10
CA GLU A 33 8.43 -1.54 -13.49
C GLU A 33 7.08 -0.85 -13.76
N ALA A 34 6.04 -1.12 -12.98
CA ALA A 34 4.74 -0.48 -13.23
C ALA A 34 4.78 1.04 -13.00
N LEU A 35 5.54 1.46 -12.00
CA LEU A 35 5.64 2.90 -11.67
C LEU A 35 6.45 3.59 -12.75
N THR A 36 7.40 2.88 -13.36
CA THR A 36 8.11 3.40 -14.53
C THR A 36 7.14 3.65 -15.67
N ALA A 37 6.28 2.68 -15.96
CA ALA A 37 5.31 2.83 -17.04
C ALA A 37 4.32 3.96 -16.71
N HIS A 38 4.05 4.15 -15.42
CA HIS A 38 3.17 5.24 -14.98
C HIS A 38 3.78 6.61 -15.26
N ALA A 39 5.07 6.79 -14.95
CA ALA A 39 5.74 8.05 -15.30
C ALA A 39 5.77 8.27 -16.81
N HIS A 40 5.87 7.19 -17.59
CA HIS A 40 5.88 7.35 -19.04
C HIS A 40 4.48 7.35 -19.65
N ASN A 41 3.47 7.38 -18.79
CA ASN A 41 2.09 7.40 -19.20
C ASN A 41 1.69 6.23 -20.09
N ASP A 42 2.39 5.10 -19.97
CA ASP A 42 2.08 3.88 -20.75
C ASP A 42 1.15 2.91 -20.01
N PHE A 43 -0.07 3.37 -19.76
CA PHE A 43 -1.00 2.64 -18.92
C PHE A 43 -2.34 3.31 -19.13
N VAL A 44 -3.42 2.60 -18.83
CA VAL A 44 -4.71 3.25 -18.68
C VAL A 44 -5.43 2.76 -17.41
N GLN A 45 -6.06 3.70 -16.72
CA GLN A 45 -6.49 3.43 -15.36
C GLN A 45 -7.66 4.32 -15.07
N PRO A 46 -8.87 3.86 -15.42
CA PRO A 46 -10.13 4.59 -15.20
C PRO A 46 -10.35 4.78 -13.70
N LEU A 47 -11.12 5.78 -13.30
CA LEU A 47 -11.41 5.94 -11.86
C LEU A 47 -12.08 4.68 -11.30
N LYS A 48 -11.68 4.30 -10.10
CA LYS A 48 -12.16 3.07 -9.46
C LYS A 48 -13.52 3.31 -8.74
N PRO A 49 -14.61 2.66 -9.21
CA PRO A 49 -15.88 2.92 -8.53
C PRO A 49 -16.14 2.06 -7.30
N TYR A 50 -16.75 2.68 -6.29
CA TYR A 50 -17.05 2.04 -5.02
C TYR A 50 -18.50 1.56 -5.09
N LEU A 51 -18.71 0.30 -4.79
CA LEU A 51 -20.06 -0.20 -4.58
C LEU A 51 -20.27 -0.28 -3.07
N ARG A 52 -21.22 0.48 -2.55
CA ARG A 52 -21.61 0.36 -1.13
C ARG A 52 -23.06 -0.08 -1.08
N GLN A 53 -23.37 -1.16 -0.37
CA GLN A 53 -24.77 -1.65 -0.39
C GLN A 53 -25.69 -0.67 0.28
N ASP A 54 -25.11 0.14 1.15
CA ASP A 54 -25.87 1.14 1.87
C ASP A 54 -25.01 2.39 2.03
N PRO A 55 -25.01 3.24 0.99
CA PRO A 55 -23.97 4.25 0.69
C PRO A 55 -23.72 5.35 1.73
N GLU A 56 -24.74 5.69 2.51
CA GLU A 56 -24.65 6.69 3.60
C GLU A 56 -24.92 6.07 4.99
N ASN A 57 -25.95 5.24 5.08
CA ASN A 57 -26.18 4.39 6.26
C ASN A 57 -25.25 3.19 6.18
N GLY A 58 -23.96 3.40 6.43
CA GLY A 58 -22.96 2.35 6.30
C GLY A 58 -21.58 2.86 6.57
N HIS A 59 -20.79 2.01 7.24
CA HIS A 59 -19.41 2.30 7.58
C HIS A 59 -18.55 2.50 6.32
N ILE A 60 -17.54 3.36 6.40
CA ILE A 60 -16.72 3.72 5.24
C ILE A 60 -15.73 2.62 4.81
N ALA A 61 -15.55 1.60 5.66
CA ALA A 61 -14.80 0.41 5.27
C ALA A 61 -15.73 -0.72 4.85
N ASP A 62 -17.00 -0.37 4.58
CA ASP A 62 -17.96 -1.29 3.98
C ASP A 62 -18.22 -0.88 2.52
N ARG A 63 -17.52 -1.58 1.63
CA ARG A 63 -17.62 -1.35 0.21
C ARG A 63 -16.94 -2.48 -0.55
N ILE A 64 -17.22 -2.55 -1.84
CA ILE A 64 -16.39 -3.35 -2.78
C ILE A 64 -15.97 -2.42 -3.92
N ILE A 65 -14.67 -2.43 -4.23
CA ILE A 65 -14.09 -1.53 -5.26
C ILE A 65 -13.66 -2.31 -6.48
N ALA A 66 -14.09 -1.85 -7.65
CA ALA A 66 -13.61 -2.34 -8.93
C ALA A 66 -12.40 -1.51 -9.39
N MET A 67 -11.27 -2.17 -9.71
CA MET A 67 -10.02 -1.48 -10.02
C MET A 67 -9.40 -2.00 -11.33
N PRO A 68 -9.94 -1.54 -12.48
CA PRO A 68 -9.39 -2.02 -13.74
C PRO A 68 -8.19 -1.20 -14.19
N SER A 69 -7.27 -1.82 -14.92
CA SER A 69 -6.15 -1.08 -15.45
C SER A 69 -5.54 -1.90 -16.57
N HIS A 70 -4.72 -1.22 -17.35
CA HIS A 70 -3.97 -1.78 -18.45
C HIS A 70 -2.60 -1.17 -18.31
N ILE A 71 -1.57 -1.97 -18.57
CA ILE A 71 -0.20 -1.51 -18.57
C ILE A 71 0.37 -1.92 -19.91
N GLY A 72 0.96 -0.98 -20.62
CA GLY A 72 1.55 -1.27 -21.92
C GLY A 72 2.96 -1.79 -21.75
N GLY A 73 3.69 -1.81 -22.85
CA GLY A 73 5.08 -2.24 -22.82
C GLY A 73 5.34 -3.60 -23.42
N GLU A 74 6.53 -4.11 -23.13
CA GLU A 74 7.05 -5.40 -23.59
C GLU A 74 6.01 -6.51 -23.40
N HIS A 75 5.67 -6.77 -22.15
CA HIS A 75 4.60 -7.70 -21.85
C HIS A 75 3.38 -6.95 -21.27
N ALA A 76 2.63 -6.38 -22.19
CA ALA A 76 1.45 -5.60 -21.88
C ALA A 76 0.37 -6.49 -21.27
N ILE A 77 -0.25 -6.02 -20.20
CA ILE A 77 -1.26 -6.81 -19.51
C ILE A 77 -2.41 -5.95 -19.08
N SER A 78 -3.61 -6.53 -19.08
CA SER A 78 -4.78 -5.89 -18.51
C SER A 78 -5.34 -6.69 -17.37
N GLY A 79 -6.22 -6.05 -16.60
CA GLY A 79 -6.93 -6.74 -15.56
C GLY A 79 -7.69 -5.83 -14.62
N ILE A 80 -8.29 -6.47 -13.62
CA ILE A 80 -9.06 -5.80 -12.60
C ILE A 80 -8.84 -6.44 -11.21
N LYS A 81 -8.73 -5.59 -10.18
CA LYS A 81 -8.84 -6.06 -8.79
C LYS A 81 -10.24 -5.69 -8.31
N TRP A 82 -10.93 -6.68 -7.79
CA TRP A 82 -12.31 -6.55 -7.32
C TRP A 82 -12.22 -6.94 -5.83
N ILE A 83 -12.09 -5.91 -5.00
CA ILE A 83 -11.70 -6.09 -3.60
C ILE A 83 -12.78 -5.55 -2.67
N GLY A 84 -13.31 -6.45 -1.84
CA GLY A 84 -14.32 -6.09 -0.85
C GLY A 84 -13.82 -5.87 0.58
N SER A 85 -14.66 -5.21 1.37
CA SER A 85 -14.30 -4.87 2.73
C SER A 85 -15.57 -4.81 3.59
N LYS A 86 -15.52 -5.38 4.79
CA LYS A 86 -16.51 -5.14 5.83
C LYS A 86 -15.75 -4.87 7.12
N HIS A 87 -15.94 -3.66 7.68
CA HIS A 87 -15.23 -3.20 8.89
C HIS A 87 -15.25 -4.22 10.05
N ASP A 88 -16.38 -4.88 10.26
N ASP A 88 -16.37 -4.90 10.26
CA ASP A 88 -16.56 -5.82 11.38
CA ASP A 88 -16.56 -5.80 11.39
C ASP A 88 -16.46 -7.29 10.98
C ASP A 88 -16.27 -7.28 11.09
N ASN A 89 -15.73 -7.58 9.91
CA ASN A 89 -15.34 -8.97 9.59
C ASN A 89 -14.39 -9.55 10.68
N PRO A 90 -13.37 -8.78 11.09
CA PRO A 90 -12.50 -9.38 12.11
C PRO A 90 -13.16 -9.40 13.50
N SER A 91 -13.71 -8.27 13.95
CA SER A 91 -14.27 -8.22 15.28
C SER A 91 -15.46 -9.20 15.46
N LYS A 92 -16.36 -9.24 14.47
CA LYS A 92 -17.61 -10.00 14.61
C LYS A 92 -17.60 -11.40 14.00
N ARG A 93 -16.78 -11.63 12.97
CA ARG A 93 -16.79 -12.93 12.25
C ARG A 93 -15.44 -13.64 12.28
N ASN A 94 -14.46 -13.07 12.97
CA ASN A 94 -13.09 -13.59 12.91
C ASN A 94 -12.62 -13.87 11.44
N MET A 95 -12.98 -12.97 10.52
CA MET A 95 -12.53 -13.08 9.14
C MET A 95 -11.70 -11.85 8.81
N GLU A 96 -10.74 -11.99 7.91
CA GLU A 96 -10.05 -10.82 7.38
C GLU A 96 -11.04 -9.77 6.88
N ARG A 97 -10.77 -8.51 7.18
CA ARG A 97 -11.63 -7.39 6.74
C ARG A 97 -11.84 -7.40 5.20
N ALA A 98 -10.73 -7.47 4.47
CA ALA A 98 -10.75 -7.40 3.02
C ALA A 98 -10.58 -8.78 2.42
N SER A 99 -11.10 -8.89 1.19
CA SER A 99 -11.13 -10.13 0.43
C SER A 99 -11.31 -9.76 -1.04
N GLY A 100 -11.03 -10.69 -1.93
CA GLY A 100 -11.37 -10.45 -3.31
C GLY A 100 -10.59 -11.27 -4.27
N VAL A 101 -10.74 -10.90 -5.54
CA VAL A 101 -10.11 -11.58 -6.65
C VAL A 101 -9.49 -10.54 -7.59
N ILE A 102 -8.40 -10.92 -8.24
CA ILE A 102 -7.82 -10.17 -9.35
C ILE A 102 -8.03 -11.05 -10.59
N ILE A 103 -8.59 -10.48 -11.66
CA ILE A 103 -8.67 -11.15 -12.97
C ILE A 103 -7.62 -10.51 -13.90
N LEU A 104 -6.87 -11.35 -14.62
CA LEU A 104 -5.93 -10.89 -15.65
C LEU A 104 -6.48 -11.21 -17.02
N ASN A 105 -6.18 -10.31 -17.97
CA ASN A 105 -6.68 -10.37 -19.35
C ASN A 105 -5.57 -10.17 -20.38
N ASP A 106 -5.61 -11.00 -21.40
CA ASP A 106 -4.66 -10.95 -22.52
C ASP A 106 -5.09 -9.78 -23.39
N PRO A 107 -4.23 -8.76 -23.51
CA PRO A 107 -4.70 -7.61 -24.27
C PRO A 107 -4.95 -7.86 -25.78
N GLU A 108 -4.44 -8.96 -26.34
CA GLU A 108 -4.69 -9.24 -27.77
C GLU A 108 -6.17 -9.54 -28.01
N THR A 109 -6.78 -10.33 -27.11
CA THR A 109 -8.14 -10.81 -27.29
C THR A 109 -9.13 -10.19 -26.30
N ASN A 110 -8.56 -9.56 -25.28
CA ASN A 110 -9.20 -9.16 -24.04
C ASN A 110 -9.77 -10.31 -23.17
N TYR A 111 -9.48 -11.56 -23.56
CA TYR A 111 -10.00 -12.74 -22.84
C TYR A 111 -9.37 -12.85 -21.45
N PRO A 112 -10.15 -13.29 -20.45
CA PRO A 112 -9.54 -13.58 -19.15
C PRO A 112 -8.55 -14.75 -19.23
N ILE A 113 -7.42 -14.64 -18.56
CA ILE A 113 -6.43 -15.73 -18.52
C ILE A 113 -6.05 -16.23 -17.13
N ALA A 114 -6.38 -15.46 -16.09
CA ALA A 114 -6.11 -15.88 -14.70
C ALA A 114 -7.18 -15.36 -13.74
N VAL A 115 -7.49 -16.15 -12.71
CA VAL A 115 -8.33 -15.73 -11.58
C VAL A 115 -7.50 -15.99 -10.34
N MET A 116 -7.27 -14.95 -9.54
CA MET A 116 -6.36 -15.02 -8.40
C MET A 116 -6.93 -14.40 -7.15
N GLU A 117 -6.64 -15.02 -6.00
CA GLU A 117 -6.95 -14.42 -4.71
C GLU A 117 -6.27 -13.05 -4.64
N ALA A 118 -6.91 -12.07 -3.98
CA ALA A 118 -6.46 -10.68 -4.07
C ALA A 118 -5.83 -10.03 -2.84
N SER A 119 -6.26 -10.41 -1.64
N SER A 119 -6.27 -10.43 -1.65
CA SER A 119 -5.84 -9.66 -0.44
CA SER A 119 -5.88 -9.75 -0.40
C SER A 119 -4.37 -9.79 -0.03
C SER A 119 -4.39 -9.80 -0.05
N LEU A 120 -3.76 -10.95 -0.23
CA LEU A 120 -2.31 -11.07 0.04
C LEU A 120 -1.54 -10.16 -0.93
N ILE A 121 -1.85 -10.27 -2.23
CA ILE A 121 -1.21 -9.43 -3.25
C ILE A 121 -1.42 -7.94 -2.98
N SER A 122 -2.63 -7.57 -2.59
CA SER A 122 -2.98 -6.19 -2.32
C SER A 122 -2.16 -5.63 -1.13
N SER A 123 -2.11 -6.38 -0.03
CA SER A 123 -1.41 -5.93 1.18
C SER A 123 0.07 -5.86 0.88
N MET A 124 0.55 -6.83 0.11
CA MET A 124 1.96 -6.89 -0.30
C MET A 124 2.38 -5.78 -1.27
N ARG A 125 1.61 -5.55 -2.34
CA ARG A 125 1.93 -4.40 -3.20
C ARG A 125 1.85 -3.06 -2.42
N THR A 126 0.94 -2.98 -1.46
CA THR A 126 0.80 -1.76 -0.65
C THR A 126 2.05 -1.53 0.23
N ALA A 127 2.58 -2.63 0.78
CA ALA A 127 3.85 -2.59 1.48
C ALA A 127 5.03 -2.24 0.55
N ALA A 128 5.01 -2.76 -0.68
CA ALA A 128 6.07 -2.40 -1.64
C ALA A 128 6.08 -0.89 -1.95
N VAL A 129 4.91 -0.26 -1.88
CA VAL A 129 4.77 1.18 -2.14
C VAL A 129 5.57 1.96 -1.10
N SER A 130 5.39 1.59 0.17
CA SER A 130 6.17 2.14 1.29
C SER A 130 7.65 1.88 1.11
N VAL A 131 8.00 0.64 0.74
CA VAL A 131 9.42 0.31 0.54
C VAL A 131 10.07 1.19 -0.54
N ILE A 132 9.45 1.29 -1.70
CA ILE A 132 10.03 2.06 -2.82
C ILE A 132 10.04 3.57 -2.49
N ALA A 133 8.95 4.07 -1.89
CA ALA A 133 8.90 5.44 -1.44
C ALA A 133 10.04 5.76 -0.47
N ALA A 134 10.24 4.85 0.50
CA ALA A 134 11.29 5.02 1.51
C ALA A 134 12.67 5.00 0.88
N LYS A 135 12.88 4.18 -0.14
CA LYS A 135 14.18 4.16 -0.84
C LYS A 135 14.52 5.56 -1.32
N HIS A 136 13.49 6.30 -1.72
CA HIS A 136 13.68 7.65 -2.23
C HIS A 136 13.47 8.75 -1.21
N LEU A 137 12.66 8.50 -0.18
CA LEU A 137 12.19 9.58 0.70
C LEU A 137 12.61 9.50 2.17
N ALA A 138 13.04 8.32 2.62
CA ALA A 138 13.52 8.13 3.98
C ALA A 138 14.99 8.52 4.10
N LYS A 139 15.42 8.90 5.32
CA LYS A 139 16.84 9.09 5.58
C LYS A 139 17.57 7.77 5.36
N LYS A 140 18.69 7.82 4.66
CA LYS A 140 19.50 6.64 4.39
C LYS A 140 19.97 6.08 5.72
N GLY A 141 19.78 4.78 5.93
CA GLY A 141 20.26 4.15 7.16
C GLY A 141 19.31 4.27 8.34
N PHE A 142 18.11 4.81 8.13
CA PHE A 142 17.16 4.99 9.24
C PHE A 142 17.06 3.74 10.13
N LYS A 143 17.03 3.97 11.44
CA LYS A 143 17.05 2.90 12.45
C LYS A 143 15.69 2.64 13.08
N ASP A 144 14.82 3.65 13.07
CA ASP A 144 13.55 3.60 13.82
C ASP A 144 12.32 3.66 12.93
N LEU A 145 11.52 2.60 12.94
CA LEU A 145 10.30 2.50 12.15
C LEU A 145 9.07 2.49 13.05
N THR A 146 8.05 3.26 12.67
CA THR A 146 6.78 3.25 13.40
C THR A 146 5.66 2.65 12.54
N ILE A 147 4.91 1.70 13.12
CA ILE A 147 3.71 1.16 12.55
C ILE A 147 2.51 1.53 13.44
N ILE A 148 1.48 2.16 12.86
CA ILE A 148 0.21 2.43 13.59
C ILE A 148 -0.90 1.59 13.01
N GLY A 149 -1.52 0.76 13.83
CA GLY A 149 -2.52 -0.19 13.35
C GLY A 149 -1.89 -1.53 13.05
N CYS A 150 -2.35 -2.57 13.73
CA CYS A 150 -1.69 -3.86 13.71
C CYS A 150 -2.51 -4.91 12.98
N GLY A 151 -3.30 -4.52 11.98
CA GLY A 151 -4.05 -5.49 11.21
C GLY A 151 -3.18 -6.12 10.14
N LEU A 152 -3.81 -6.68 9.12
CA LEU A 152 -3.10 -7.36 8.07
C LEU A 152 -2.21 -6.40 7.25
N ILE A 153 -2.68 -5.17 7.04
CA ILE A 153 -1.90 -4.20 6.32
C ILE A 153 -0.62 -3.87 7.11
N GLY A 154 -0.78 -3.56 8.42
CA GLY A 154 0.36 -3.31 9.31
C GLY A 154 1.40 -4.43 9.31
N ASP A 155 0.91 -5.66 9.52
CA ASP A 155 1.76 -6.86 9.43
C ASP A 155 2.60 -6.90 8.16
N LYS A 156 1.97 -6.69 7.01
CA LYS A 156 2.71 -6.76 5.72
C LYS A 156 3.69 -5.62 5.49
N GLN A 157 3.30 -4.40 5.89
CA GLN A 157 4.19 -3.24 5.90
C GLN A 157 5.44 -3.59 6.72
N LEU A 158 5.23 -4.11 7.93
CA LEU A 158 6.35 -4.44 8.82
C LEU A 158 7.25 -5.51 8.22
N GLN A 159 6.63 -6.60 7.72
CA GLN A 159 7.39 -7.68 7.08
C GLN A 159 8.31 -7.16 5.94
N SER A 160 7.73 -6.35 5.05
CA SER A 160 8.43 -5.88 3.87
C SER A 160 9.55 -4.88 4.19
N MET A 161 9.30 -4.00 5.15
CA MET A 161 10.33 -3.06 5.60
C MET A 161 11.54 -3.80 6.20
N LEU A 162 11.27 -4.79 7.06
CA LEU A 162 12.37 -5.55 7.66
C LEU A 162 13.12 -6.38 6.62
N GLU A 163 12.40 -6.98 5.66
CA GLU A 163 13.04 -7.69 4.54
C GLU A 163 13.96 -6.79 3.73
N GLN A 164 13.52 -5.54 3.52
CA GLN A 164 14.15 -4.65 2.56
C GLN A 164 15.14 -3.68 3.16
N PHE A 165 15.01 -3.39 4.45
CA PHE A 165 15.94 -2.48 5.11
C PHE A 165 16.60 -3.13 6.34
N ASP A 166 17.82 -3.64 6.17
CA ASP A 166 18.42 -4.41 7.26
C ASP A 166 19.07 -3.52 8.32
N HIS A 167 19.04 -2.22 8.11
CA HIS A 167 19.53 -1.28 9.12
C HIS A 167 18.46 -0.86 10.15
N ILE A 168 17.23 -1.36 10.02
CA ILE A 168 16.21 -1.01 11.03
C ILE A 168 16.57 -1.69 12.34
N GLU A 169 16.55 -0.94 13.43
CA GLU A 169 16.92 -1.49 14.74
C GLU A 169 15.76 -1.57 15.72
N ARG A 170 14.87 -0.57 15.71
CA ARG A 170 13.69 -0.57 16.58
C ARG A 170 12.41 -0.36 15.79
N VAL A 171 11.32 -0.88 16.31
CA VAL A 171 10.00 -0.73 15.71
C VAL A 171 9.00 -0.31 16.81
N PHE A 172 8.44 0.88 16.67
CA PHE A 172 7.45 1.34 17.62
C PHE A 172 6.07 1.03 17.09
N VAL A 173 5.27 0.38 17.93
CA VAL A 173 3.95 -0.06 17.49
C VAL A 173 2.88 0.55 18.36
N TYR A 174 1.82 1.04 17.71
CA TYR A 174 0.62 1.44 18.44
C TYR A 174 -0.64 0.92 17.76
N ASP A 175 -1.60 0.53 18.57
CA ASP A 175 -2.93 0.24 18.10
C ASP A 175 -3.92 0.75 19.13
N GLN A 176 -5.04 1.32 18.64
CA GLN A 176 -6.12 1.82 19.48
C GLN A 176 -6.65 0.74 20.41
N PHE A 177 -6.58 -0.50 19.92
CA PHE A 177 -6.96 -1.67 20.66
C PHE A 177 -5.68 -2.27 21.25
N SER A 178 -5.48 -2.03 22.55
CA SER A 178 -4.27 -2.46 23.28
C SER A 178 -3.85 -3.89 23.03
N GLU A 179 -4.81 -4.78 23.10
CA GLU A 179 -4.61 -6.20 22.95
C GLU A 179 -4.01 -6.56 21.59
N ALA A 180 -4.59 -5.97 20.54
CA ALA A 180 -4.12 -6.16 19.16
C ALA A 180 -2.63 -5.84 19.07
N CYS A 181 -2.26 -4.69 19.59
CA CYS A 181 -0.86 -4.28 19.67
C CYS A 181 0.04 -5.29 20.43
N ALA A 182 -0.43 -5.73 21.61
CA ALA A 182 0.35 -6.62 22.47
C ALA A 182 0.69 -7.93 21.76
N ARG A 183 -0.31 -8.55 21.16
CA ARG A 183 -0.12 -9.82 20.46
C ARG A 183 0.84 -9.64 19.28
N PHE A 184 0.66 -8.53 18.56
CA PHE A 184 1.43 -8.20 17.37
C PHE A 184 2.92 -8.08 17.70
N VAL A 185 3.27 -7.28 18.72
CA VAL A 185 4.69 -7.14 19.09
C VAL A 185 5.25 -8.43 19.65
N ASP A 186 4.44 -9.15 20.42
CA ASP A 186 4.83 -10.44 20.97
C ASP A 186 5.20 -11.38 19.83
N ARG A 187 4.28 -11.53 18.86
CA ARG A 187 4.52 -12.32 17.64
C ARG A 187 5.83 -11.92 16.96
N TRP A 188 5.98 -10.62 16.70
CA TRP A 188 7.12 -10.15 15.93
C TRP A 188 8.43 -10.20 16.70
N GLN A 189 8.39 -9.93 18.01
CA GLN A 189 9.61 -10.03 18.82
C GLN A 189 10.20 -11.45 18.70
N GLN A 190 9.33 -12.44 18.53
CA GLN A 190 9.79 -13.80 18.30
C GLN A 190 10.26 -14.03 16.87
N GLN A 191 9.51 -13.52 15.89
CA GLN A 191 9.93 -13.61 14.50
C GLN A 191 11.34 -13.01 14.29
N ARG A 192 11.58 -11.83 14.88
N ARG A 192 11.57 -11.84 14.89
CA ARG A 192 12.84 -11.12 14.70
CA ARG A 192 12.81 -11.06 14.72
C ARG A 192 13.41 -10.65 16.04
C ARG A 192 13.39 -10.64 16.07
N PRO A 193 14.20 -11.52 16.70
CA PRO A 193 14.74 -11.27 18.06
C PRO A 193 15.80 -10.18 18.13
N GLU A 194 16.55 -9.98 17.04
CA GLU A 194 17.63 -8.99 17.04
C GLU A 194 17.13 -7.57 16.76
N ILE A 195 15.82 -7.42 16.67
CA ILE A 195 15.17 -6.11 16.49
C ILE A 195 14.31 -5.86 17.73
N ASN A 196 14.28 -4.62 18.18
CA ASN A 196 13.57 -4.21 19.40
C ASN A 196 12.17 -3.65 19.10
N PHE A 197 11.13 -4.40 19.48
CA PHE A 197 9.75 -3.94 19.27
C PHE A 197 9.16 -3.35 20.54
N ILE A 198 8.72 -2.10 20.46
CA ILE A 198 8.13 -1.37 21.58
C ILE A 198 6.64 -1.12 21.35
N ALA A 199 5.80 -1.75 22.17
CA ALA A 199 4.39 -1.44 22.28
C ALA A 199 4.19 -0.09 22.97
N THR A 200 3.70 0.92 22.27
CA THR A 200 3.53 2.24 22.89
C THR A 200 2.17 2.43 23.58
N GLU A 201 2.07 3.46 24.42
CA GLU A 201 0.85 3.70 25.19
C GLU A 201 -0.09 4.67 24.50
N ASN A 202 0.45 5.49 23.61
CA ASN A 202 -0.39 6.33 22.75
C ASN A 202 0.21 6.48 21.35
N ALA A 203 -0.57 7.06 20.45
CA ALA A 203 -0.11 7.25 19.07
C ALA A 203 1.06 8.24 19.03
N LYS A 204 0.99 9.29 19.86
CA LYS A 204 2.00 10.34 19.87
C LYS A 204 3.40 9.78 20.18
N GLU A 205 3.49 8.96 21.23
CA GLU A 205 4.74 8.28 21.58
C GLU A 205 5.31 7.51 20.36
N ALA A 206 4.49 6.69 19.69
CA ALA A 206 4.93 5.95 18.50
C ALA A 206 5.43 6.85 17.37
N VAL A 207 4.58 7.81 16.96
CA VAL A 207 4.90 8.70 15.86
C VAL A 207 6.18 9.49 16.14
N SER A 208 6.29 9.99 17.37
CA SER A 208 7.39 10.87 17.78
C SER A 208 8.72 10.20 17.63
N ASN A 209 8.70 8.87 17.69
CA ASN A 209 9.92 8.10 17.71
C ASN A 209 10.28 7.41 16.40
N GLY A 210 9.47 7.65 15.38
CA GLY A 210 9.74 7.05 14.08
C GLY A 210 10.50 7.93 13.13
N GLU A 211 11.53 7.39 12.50
CA GLU A 211 12.12 8.07 11.36
C GLU A 211 11.31 7.76 10.08
N VAL A 212 10.74 6.56 10.03
CA VAL A 212 9.71 6.26 9.03
C VAL A 212 8.45 5.90 9.82
N VAL A 213 7.33 6.51 9.42
CA VAL A 213 6.05 6.35 10.10
C VAL A 213 5.06 5.85 9.06
N ILE A 214 4.45 4.69 9.33
CA ILE A 214 3.51 4.09 8.38
C ILE A 214 2.15 3.96 9.07
N THR A 215 1.10 4.52 8.45
CA THR A 215 -0.25 4.44 9.03
C THR A 215 -1.09 3.30 8.43
N CYS A 216 -1.61 2.45 9.30
CA CYS A 216 -2.27 1.26 8.83
C CYS A 216 -3.60 1.04 9.60
N THR A 217 -4.32 2.14 9.85
CA THR A 217 -5.58 2.08 10.59
C THR A 217 -6.84 2.12 9.70
N VAL A 218 -8.02 2.17 10.36
CA VAL A 218 -9.28 2.41 9.67
C VAL A 218 -9.97 3.68 10.19
N THR A 219 -9.21 4.68 10.60
CA THR A 219 -9.82 5.93 11.10
C THR A 219 -10.48 6.72 9.95
N ASP A 220 -11.43 7.60 10.28
CA ASP A 220 -11.75 8.66 9.29
C ASP A 220 -11.65 10.06 9.89
N GLN A 221 -11.00 10.15 11.05
CA GLN A 221 -10.59 11.43 11.64
C GLN A 221 -9.08 11.47 11.91
N PRO A 222 -8.38 12.47 11.34
CA PRO A 222 -6.94 12.58 11.58
C PRO A 222 -6.57 12.64 13.07
N TYR A 223 -5.41 12.11 13.44
CA TYR A 223 -4.90 12.23 14.82
C TYR A 223 -3.42 12.61 14.83
N ILE A 224 -2.74 12.47 13.68
CA ILE A 224 -1.32 12.82 13.59
C ILE A 224 -1.13 14.32 13.38
N GLU A 225 -0.49 14.95 14.37
CA GLU A 225 -0.19 16.39 14.32
C GLU A 225 1.17 16.60 13.72
N TYR A 226 1.39 17.77 13.11
CA TYR A 226 2.68 18.03 12.47
C TYR A 226 3.82 18.02 13.49
N ASP A 227 3.57 18.55 14.68
CA ASP A 227 4.67 18.73 15.62
C ASP A 227 5.11 17.44 16.31
N TRP A 228 4.38 16.34 16.09
CA TRP A 228 4.85 15.02 16.53
C TRP A 228 6.01 14.56 15.69
N LEU A 229 6.18 15.15 14.52
CA LEU A 229 7.11 14.58 13.54
C LEU A 229 8.53 15.11 13.72
N GLN A 230 9.49 14.21 13.94
CA GLN A 230 10.92 14.56 13.96
C GLN A 230 11.34 15.15 12.62
N LYS A 231 12.22 16.14 12.66
CA LYS A 231 12.91 16.56 11.44
C LYS A 231 13.55 15.35 10.79
N GLY A 232 13.33 15.20 9.49
CA GLY A 232 13.91 14.09 8.75
C GLY A 232 12.98 12.89 8.66
N ALA A 233 11.77 13.03 9.21
CA ALA A 233 10.79 11.95 9.14
C ALA A 233 10.19 11.77 7.71
N PHE A 234 9.90 10.53 7.36
CA PHE A 234 9.14 10.25 6.17
C PHE A 234 7.92 9.50 6.67
N ILE A 235 6.75 10.00 6.27
CA ILE A 235 5.51 9.33 6.62
C ILE A 235 4.80 8.79 5.39
N SER A 236 4.58 7.48 5.42
CA SER A 236 3.86 6.77 4.38
C SER A 236 2.45 6.61 4.91
N ASN A 237 1.54 7.41 4.36
CA ASN A 237 0.18 7.51 4.92
C ASN A 237 -0.76 6.52 4.21
N ILE A 238 -0.39 5.25 4.32
CA ILE A 238 -1.11 4.18 3.69
C ILE A 238 -2.63 4.18 4.04
N SER A 239 -3.00 4.51 5.27
CA SER A 239 -4.43 4.43 5.58
C SER A 239 -5.18 5.79 5.48
N ILE A 240 -4.46 6.78 4.92
CA ILE A 240 -5.00 7.99 4.29
C ILE A 240 -5.56 9.01 5.26
N MET A 241 -6.51 8.62 6.08
CA MET A 241 -7.25 9.56 6.88
C MET A 241 -6.54 10.02 8.14
N ASP A 242 -5.39 9.43 8.44
CA ASP A 242 -4.74 9.56 9.75
C ASP A 242 -4.06 10.89 9.99
N VAL A 243 -3.67 11.53 8.90
CA VAL A 243 -2.78 12.69 8.96
C VAL A 243 -3.60 13.97 8.96
N HIS A 244 -3.32 14.89 9.88
CA HIS A 244 -4.06 16.16 9.90
C HIS A 244 -3.72 16.97 8.69
N LYS A 245 -4.63 17.84 8.27
CA LYS A 245 -4.43 18.65 7.08
C LYS A 245 -3.19 19.49 7.18
N GLU A 246 -2.94 20.03 8.37
CA GLU A 246 -1.74 20.83 8.67
C GLU A 246 -0.43 20.19 8.19
N VAL A 247 -0.38 18.84 8.22
CA VAL A 247 0.79 18.09 7.80
C VAL A 247 1.02 18.21 6.29
N PHE A 248 -0.04 18.16 5.49
CA PHE A 248 0.08 18.36 4.02
C PHE A 248 0.59 19.75 3.71
N ILE A 249 0.24 20.68 4.60
CA ILE A 249 0.64 22.08 4.44
C ILE A 249 2.05 22.32 4.95
N LYS A 250 2.37 21.78 6.11
CA LYS A 250 3.69 22.06 6.74
C LYS A 250 4.86 21.19 6.26
N ALA A 251 4.55 20.03 5.70
CA ALA A 251 5.58 19.13 5.18
C ALA A 251 6.39 19.84 4.10
N ASP A 252 7.69 19.59 4.10
CA ASP A 252 8.57 20.15 3.08
C ASP A 252 8.24 19.59 1.71
N LYS A 253 7.99 18.29 1.63
CA LYS A 253 7.61 17.68 0.36
C LYS A 253 6.43 16.76 0.51
N VAL A 254 5.49 16.84 -0.45
CA VAL A 254 4.32 15.99 -0.49
C VAL A 254 4.37 15.20 -1.80
N VAL A 255 4.39 13.87 -1.68
CA VAL A 255 4.36 12.96 -2.83
C VAL A 255 3.02 12.21 -2.81
N VAL A 256 2.51 11.91 -4.01
CA VAL A 256 1.34 11.05 -4.16
C VAL A 256 1.70 9.96 -5.15
N ASP A 257 0.87 8.94 -5.26
CA ASP A 257 1.04 7.98 -6.33
C ASP A 257 0.50 8.56 -7.64
N ASP A 258 -0.69 9.13 -7.56
CA ASP A 258 -1.36 9.60 -8.78
C ASP A 258 -2.19 10.85 -8.45
N TRP A 259 -1.73 11.99 -8.96
CA TRP A 259 -2.36 13.29 -8.69
C TRP A 259 -3.83 13.39 -9.09
N SER A 260 -4.16 12.84 -10.27
CA SER A 260 -5.53 12.84 -10.77
C SER A 260 -6.41 12.05 -9.82
N GLN A 261 -5.92 10.89 -9.38
CA GLN A 261 -6.64 10.04 -8.44
C GLN A 261 -6.76 10.58 -7.01
N CYS A 262 -6.03 11.65 -6.69
CA CYS A 262 -6.00 12.19 -5.34
C CYS A 262 -6.78 13.50 -5.28
N ASN A 263 -6.92 14.15 -6.42
CA ASN A 263 -7.65 15.40 -6.52
C ASN A 263 -9.13 15.15 -6.78
N ARG A 264 -9.63 14.03 -6.26
CA ARG A 264 -11.05 13.66 -6.29
C ARG A 264 -11.85 14.63 -5.43
N GLU A 265 -13.08 14.93 -5.84
CA GLU A 265 -13.95 15.86 -5.10
C GLU A 265 -13.85 15.69 -3.57
N LYS A 266 -14.23 14.51 -3.06
CA LYS A 266 -14.29 14.26 -1.61
C LYS A 266 -12.98 13.78 -0.96
N LYS A 267 -11.87 14.45 -1.29
CA LYS A 267 -10.55 14.05 -0.80
C LYS A 267 -9.83 15.19 -0.11
N THR A 268 -8.98 14.84 0.87
CA THR A 268 -8.27 15.82 1.69
C THR A 268 -7.46 16.80 0.83
N ILE A 269 -6.70 16.24 -0.11
CA ILE A 269 -5.92 17.07 -1.04
C ILE A 269 -6.81 17.97 -1.89
N ASN A 270 -7.92 17.42 -2.41
CA ASN A 270 -8.83 18.22 -3.23
C ASN A 270 -9.48 19.35 -2.45
N GLN A 271 -9.72 19.10 -1.17
CA GLN A 271 -10.27 20.09 -0.26
C GLN A 271 -9.29 21.23 -0.04
N LEU A 272 -8.03 20.89 0.25
CA LEU A 272 -6.96 21.88 0.36
C LEU A 272 -6.81 22.65 -0.96
N VAL A 273 -6.99 21.96 -2.07
CA VAL A 273 -6.94 22.62 -3.36
C VAL A 273 -8.17 23.51 -3.57
N LEU A 274 -9.36 23.01 -3.20
CA LEU A 274 -10.62 23.75 -3.30
C LEU A 274 -10.61 25.04 -2.49
N GLU A 275 -10.02 24.96 -1.30
CA GLU A 275 -9.60 26.16 -0.60
C GLU A 275 -8.38 26.64 -1.36
N GLY A 276 -7.61 27.57 -0.82
CA GLY A 276 -6.43 28.04 -1.54
C GLY A 276 -5.15 27.57 -0.90
N LYS A 277 -5.20 26.39 -0.30
CA LYS A 277 -4.13 25.93 0.57
C LYS A 277 -3.17 24.91 -0.08
N PHE A 278 -3.50 24.48 -1.30
CA PHE A 278 -2.68 23.52 -2.05
C PHE A 278 -2.96 23.63 -3.55
N SER A 279 -1.94 23.29 -4.36
CA SER A 279 -2.11 23.18 -5.82
C SER A 279 -1.29 22.02 -6.37
N LYS A 280 -1.47 21.70 -7.65
CA LYS A 280 -0.60 20.74 -8.32
C LYS A 280 0.85 21.23 -8.33
N GLU A 281 1.04 22.55 -8.29
CA GLU A 281 2.36 23.16 -8.25
C GLU A 281 3.02 22.92 -6.91
N ALA A 282 2.21 22.90 -5.86
CA ALA A 282 2.65 22.62 -4.50
C ALA A 282 3.11 21.15 -4.31
N LEU A 283 2.49 20.23 -5.05
CA LEU A 283 2.86 18.82 -5.08
C LEU A 283 4.33 18.66 -5.46
N HIS A 284 5.09 17.86 -4.69
CA HIS A 284 6.50 17.65 -5.01
C HIS A 284 6.70 16.68 -6.18
N ALA A 285 5.98 15.57 -6.15
CA ALA A 285 6.16 14.55 -7.20
C ALA A 285 5.04 13.56 -7.16
N GLU A 286 4.81 12.88 -8.29
CA GLU A 286 4.21 11.57 -8.26
C GLU A 286 5.32 10.53 -8.04
N LEU A 287 5.01 9.47 -7.33
CA LEU A 287 5.98 8.44 -6.99
C LEU A 287 6.77 7.89 -8.18
N GLY A 288 6.09 7.61 -9.29
CA GLY A 288 6.75 7.07 -10.48
C GLY A 288 7.86 7.98 -10.98
N GLN A 289 7.67 9.29 -10.80
CA GLN A 289 8.66 10.29 -11.19
C GLN A 289 9.95 10.26 -10.38
N LEU A 290 9.84 9.80 -9.12
CA LEU A 290 11.01 9.53 -8.25
C LEU A 290 11.74 8.30 -8.71
N VAL A 291 10.98 7.24 -9.03
CA VAL A 291 11.53 5.97 -9.51
C VAL A 291 12.40 6.16 -10.78
N THR A 292 11.98 7.06 -11.66
CA THR A 292 12.63 7.25 -12.94
C THR A 292 13.73 8.29 -12.90
N GLY A 293 13.75 9.08 -11.83
CA GLY A 293 14.76 10.11 -11.65
C GLY A 293 14.39 11.41 -12.33
N ASP A 294 13.11 11.56 -12.67
CA ASP A 294 12.65 12.82 -13.24
C ASP A 294 12.64 13.92 -12.20
N ILE A 295 12.17 13.60 -11.01
CA ILE A 295 12.14 14.54 -9.88
C ILE A 295 12.99 13.93 -8.73
N PRO A 296 13.80 14.75 -8.04
CA PRO A 296 14.62 14.17 -6.98
C PRO A 296 13.78 13.75 -5.77
N GLY A 297 14.29 12.81 -4.97
CA GLY A 297 13.64 12.40 -3.71
C GLY A 297 14.07 13.30 -2.57
N ARG A 298 14.38 12.72 -1.40
CA ARG A 298 14.84 13.48 -0.23
C ARG A 298 16.16 14.18 -0.55
N GLU A 299 16.27 15.45 -0.16
CA GLU A 299 17.50 16.22 -0.44
C GLU A 299 18.35 16.58 0.78
N ASP A 300 17.77 16.51 1.97
CA ASP A 300 18.54 16.65 3.20
C ASP A 300 17.86 15.91 4.33
N ASP A 301 18.56 15.78 5.43
CA ASP A 301 18.04 14.97 6.52
C ASP A 301 17.16 15.72 7.50
N ASP A 302 16.77 16.95 7.14
CA ASP A 302 15.84 17.74 7.96
C ASP A 302 14.44 17.74 7.42
N GLU A 303 14.30 17.57 6.11
CA GLU A 303 13.02 17.59 5.43
C GLU A 303 12.03 16.62 6.09
N ILE A 304 10.80 17.07 6.24
CA ILE A 304 9.73 16.19 6.67
C ILE A 304 8.95 15.90 5.41
N ILE A 305 8.76 14.63 5.08
CA ILE A 305 8.19 14.25 3.79
C ILE A 305 6.99 13.35 3.98
N LEU A 306 5.91 13.66 3.27
CA LEU A 306 4.67 12.91 3.33
C LEU A 306 4.39 12.25 1.99
N LEU A 307 4.08 10.96 2.06
CA LEU A 307 3.50 10.25 0.94
C LEU A 307 2.05 9.94 1.20
N ASN A 308 1.21 10.39 0.27
CA ASN A 308 -0.21 10.12 0.34
C ASN A 308 -0.58 9.24 -0.86
N PRO A 309 -0.62 7.92 -0.65
CA PRO A 309 -0.87 7.08 -1.82
C PRO A 309 -2.27 6.46 -1.81
N MET A 310 -3.12 6.82 -2.76
CA MET A 310 -4.51 6.35 -2.79
C MET A 310 -4.67 4.87 -3.12
N GLY A 311 -3.67 4.29 -3.80
CA GLY A 311 -3.74 2.92 -4.31
C GLY A 311 -4.08 2.94 -5.80
N MET A 312 -3.31 2.19 -6.61
CA MET A 312 -3.47 2.19 -8.06
C MET A 312 -3.60 0.76 -8.60
N ALA A 313 -4.61 0.55 -9.45
CA ALA A 313 -4.85 -0.76 -10.06
C ALA A 313 -3.63 -1.36 -10.75
N ILE A 314 -2.81 -0.55 -11.42
CA ILE A 314 -1.59 -1.07 -12.08
C ILE A 314 -0.61 -1.77 -11.10
N GLU A 315 -0.60 -1.34 -9.85
CA GLU A 315 0.17 -2.03 -8.80
C GLU A 315 -0.34 -3.47 -8.59
N ASP A 316 -1.66 -3.65 -8.54
CA ASP A 316 -2.22 -5.00 -8.34
C ASP A 316 -1.99 -5.86 -9.57
N ILE A 317 -2.19 -5.25 -10.74
CA ILE A 317 -2.20 -6.00 -11.98
C ILE A 317 -0.79 -6.46 -12.35
N SER A 318 0.17 -5.56 -12.14
N SER A 318 0.18 -5.56 -12.15
CA SER A 318 1.59 -5.85 -12.44
CA SER A 318 1.59 -5.88 -12.44
C SER A 318 2.08 -6.95 -11.48
C SER A 318 2.08 -6.96 -11.48
N SER A 319 1.75 -6.80 -10.20
CA SER A 319 2.15 -7.79 -9.17
C SER A 319 1.56 -9.15 -9.51
N ALA A 320 0.26 -9.17 -9.77
CA ALA A 320 -0.41 -10.43 -10.08
C ALA A 320 0.17 -11.08 -11.36
N TYR A 321 0.50 -10.26 -12.36
CA TYR A 321 1.04 -10.78 -13.60
C TYR A 321 2.38 -11.48 -13.36
N PHE A 322 3.26 -10.81 -12.61
CA PHE A 322 4.56 -11.36 -12.21
C PHE A 322 4.38 -12.71 -11.49
N ILE A 323 3.42 -12.80 -10.58
CA ILE A 323 3.20 -14.01 -9.78
C ILE A 323 2.58 -15.09 -10.66
N TYR A 324 1.66 -14.68 -11.55
CA TYR A 324 1.07 -15.57 -12.53
C TYR A 324 2.18 -16.24 -13.35
N GLN A 325 3.07 -15.41 -13.90
CA GLN A 325 4.16 -15.98 -14.71
C GLN A 325 5.00 -16.97 -13.91
N GLN A 326 5.40 -16.58 -12.68
CA GLN A 326 6.18 -17.46 -11.77
C GLN A 326 5.47 -18.78 -11.44
N ALA A 327 4.15 -18.72 -11.19
CA ALA A 327 3.32 -19.92 -10.98
C ALA A 327 3.31 -20.84 -12.19
N GLN A 328 3.14 -20.27 -13.37
CA GLN A 328 3.13 -21.06 -14.59
C GLN A 328 4.48 -21.74 -14.81
N GLN A 329 5.54 -21.03 -14.40
CA GLN A 329 6.91 -21.52 -14.48
C GLN A 329 7.12 -22.72 -13.57
N GLN A 330 6.45 -22.73 -12.42
CA GLN A 330 6.59 -23.80 -11.43
C GLN A 330 5.41 -24.79 -11.47
N ASN A 331 4.58 -24.68 -12.50
CA ASN A 331 3.39 -25.50 -12.65
C ASN A 331 2.46 -25.47 -11.42
N ILE A 332 2.35 -24.29 -10.81
CA ILE A 332 1.49 -24.06 -9.66
C ILE A 332 0.10 -23.60 -10.09
N GLY A 333 -0.93 -24.08 -9.39
CA GLY A 333 -2.29 -23.57 -9.58
C GLY A 333 -3.26 -24.57 -10.18
N THR A 334 -4.52 -24.15 -10.33
CA THR A 334 -5.52 -25.00 -10.95
C THR A 334 -5.91 -24.44 -12.33
N THR A 335 -5.80 -25.30 -13.35
CA THR A 335 -6.20 -24.95 -14.69
C THR A 335 -7.71 -25.09 -14.82
N LEU A 336 -8.39 -24.02 -15.23
CA LEU A 336 -9.84 -24.06 -15.45
C LEU A 336 -10.10 -23.93 -16.93
N ASN A 337 -11.17 -24.57 -17.41
CA ASN A 337 -11.69 -24.24 -18.75
C ASN A 337 -12.71 -23.11 -18.69
N LEU A 338 -12.62 -22.19 -19.63
CA LEU A 338 -13.57 -21.08 -19.70
C LEU A 338 -14.95 -21.54 -20.17
N TYR A 339 -14.95 -22.45 -21.14
CA TYR A 339 -16.17 -22.92 -21.79
C TYR A 339 -16.58 -24.26 -21.24
PA NAD B . -7.71 -4.21 9.91
O1A NAD B . -9.15 -4.15 10.38
O2A NAD B . -7.05 -5.55 9.68
O5B NAD B . -6.82 -3.39 10.99
C5B NAD B . -6.91 -2.00 11.29
C4B NAD B . -6.20 -1.80 12.64
O4B NAD B . -6.07 -0.43 13.03
C3B NAD B . -6.96 -2.48 13.78
O3B NAD B . -6.04 -3.20 14.60
C2B NAD B . -7.61 -1.35 14.55
O2B NAD B . -7.86 -1.70 15.92
C1B NAD B . -6.58 -0.24 14.37
N9A NAD B . -7.10 1.15 14.47
C8A NAD B . -8.28 1.63 13.99
N7A NAD B . -8.38 2.97 14.20
C5A NAD B . -7.27 3.36 14.85
C6A NAD B . -6.74 4.63 15.41
N6A NAD B . -7.46 5.75 15.30
N1A NAD B . -5.52 4.62 16.01
C2A NAD B . -4.78 3.51 16.11
N3A NAD B . -5.22 2.31 15.62
C4A NAD B . -6.42 2.18 15.02
O3 NAD B . -7.59 -3.31 8.55
PN NAD B . -6.41 -3.59 7.47
O1N NAD B . -6.83 -4.67 6.49
O2N NAD B . -5.09 -3.96 8.12
O5D NAD B . -6.38 -2.23 6.65
C5D NAD B . -5.78 -1.05 7.20
C4D NAD B . -5.98 0.11 6.24
O4D NAD B . -5.14 -0.02 5.07
C3D NAD B . -7.41 0.34 5.74
O3D NAD B . -7.67 1.69 6.08
C2D NAD B . -7.31 0.28 4.22
O2D NAD B . -8.25 1.20 3.58
C1D NAD B . -5.83 0.68 4.01
N1N NAD B . -5.27 0.29 2.70
C2N NAD B . -4.73 1.25 1.94
C3N NAD B . -4.18 0.93 0.70
C7N NAD B . -3.60 2.02 -0.17
O7N NAD B . -3.46 3.18 0.25
N7N NAD B . -3.31 1.69 -1.43
C4N NAD B . -4.19 -0.39 0.24
C5N NAD B . -4.74 -1.37 1.06
C6N NAD B . -5.26 -1.00 2.30
C1 CIT C . -6.58 -0.21 -2.96
O1 CIT C . -6.45 -1.46 -2.97
O2 CIT C . -5.77 0.58 -3.50
C2 CIT C . -7.75 0.43 -2.29
C3 CIT C . -8.37 -0.25 -1.05
O7 CIT C . -9.69 -0.53 -1.46
C4 CIT C . -7.78 -1.59 -0.55
C5 CIT C . -8.56 -2.30 0.58
O3 CIT C . -9.78 -2.11 0.76
O4 CIT C . -7.96 -3.12 1.32
C6 CIT C . -8.41 0.87 -0.02
O5 CIT C . -9.32 1.74 -0.11
O6 CIT C . -7.56 0.94 0.89
#